data_6AD9
#
_entry.id   6AD9
#
_cell.length_a   43.730
_cell.length_b   54.338
_cell.length_c   66.770
_cell.angle_alpha   90.00
_cell.angle_beta   108.61
_cell.angle_gamma   90.00
#
_symmetry.space_group_name_H-M   'P 1 21 1'
#
loop_
_entity.id
_entity.type
_entity.pdbx_description
1 polymer 'Peroxisome proliferator-activated receptor gamma'
2 polymer '12-mer peptide from Peroxisome proliferator-activated receptor gamma coactivator 1-alpha'
3 non-polymer 3-[(1E)-1-{8-[(4-methyl-2-propyl-1H-benzimidazol-1-yl)methyl]dibenzo[b,e]oxepin-11(6H)-ylidene}ethyl]-1,2,4-oxadiazol-5(4H)-one
4 water water
#
loop_
_entity_poly.entity_id
_entity_poly.type
_entity_poly.pdbx_seq_one_letter_code
_entity_poly.pdbx_strand_id
1 'polypeptide(L)'
;GSHMAEISSDIDQLNPESADLRALAKHLYDSYIKSFPLTKAKARAILTGKTTDKSPFVIYDMNSLMMGEDKIKFKHITPL
QEQSKEVAIRIFQGCQFRSVEAVQEITEYAKSIPGFVNLDLNDQVTLLKYGVHEIIYTMLASLMNKDGVLISEGQGFMTR
EFLKSLRKPFGDFMEPKFEFAVKFNALELDDSDLAIFIAVIILSGDRPGLLNVKPIEDIQDNLLQALELQLKLNHPESSQ
LFAKLLQKMTDLRQIVTEHVQLLQVIKKTETDMSLHPLLQEIYKDLY
;
A
2 'polypeptide(L)' PSLLKKLLLAPA B
#
# COMPACT_ATOMS: atom_id res chain seq x y z
N SER A 18 1.17 -28.44 -4.64
CA SER A 18 0.01 -27.86 -3.87
C SER A 18 0.35 -27.66 -2.42
N ALA A 19 0.78 -28.73 -1.81
CA ALA A 19 1.13 -28.72 -0.40
C ALA A 19 2.21 -27.68 -0.10
N ASP A 20 3.23 -27.67 -0.94
CA ASP A 20 4.26 -26.66 -0.85
C ASP A 20 3.76 -25.25 -1.13
N LEU A 21 2.77 -25.13 -1.99
CA LEU A 21 2.13 -23.86 -2.20
C LEU A 21 1.34 -23.37 -0.97
N ARG A 22 0.78 -24.29 -0.21
CA ARG A 22 0.13 -23.94 1.03
C ARG A 22 1.24 -23.57 2.05
N ALA A 23 2.36 -24.31 2.06
CA ALA A 23 3.45 -23.99 2.98
C ALA A 23 4.00 -22.57 2.75
N LEU A 24 4.07 -22.17 1.46
CA LEU A 24 4.52 -20.86 1.07
C LEU A 24 3.50 -19.79 1.43
N ALA A 25 2.22 -20.09 1.20
CA ALA A 25 1.15 -19.17 1.64
C ALA A 25 1.26 -18.89 3.18
N LYS A 26 1.40 -19.95 3.94
CA LYS A 26 1.49 -19.79 5.40
C LYS A 26 2.77 -19.04 5.79
N HIS A 27 3.87 -19.30 5.09
CA HIS A 27 5.09 -18.58 5.44
C HIS A 27 4.93 -17.08 5.19
N LEU A 28 4.29 -16.73 4.06
CA LEU A 28 4.06 -15.35 3.74
C LEU A 28 3.12 -14.65 4.74
N TYR A 29 2.05 -15.34 5.11
CA TYR A 29 1.18 -14.78 6.13
C TYR A 29 1.98 -14.58 7.42
N ASP A 30 2.74 -15.59 7.81
CA ASP A 30 3.59 -15.34 8.99
C ASP A 30 4.48 -14.07 8.93
N SER A 31 5.12 -13.78 7.78
CA SER A 31 5.99 -12.63 7.67
C SER A 31 5.25 -11.34 7.62
N TYR A 32 4.09 -11.38 6.97
CA TYR A 32 3.25 -10.21 6.85
C TYR A 32 2.86 -9.84 8.24
N ILE A 33 2.41 -10.83 9.03
CA ILE A 33 2.12 -10.59 10.48
C ILE A 33 3.33 -9.93 11.19
N LYS A 34 4.52 -10.47 10.97
CA LYS A 34 5.75 -9.86 11.53
C LYS A 34 6.03 -8.45 11.06
N SER A 35 5.81 -8.22 9.78
CA SER A 35 6.23 -7.00 9.14
C SER A 35 5.25 -5.85 9.34
N PHE A 36 3.96 -6.15 9.36
CA PHE A 36 2.90 -5.15 9.33
C PHE A 36 2.08 -5.18 10.63
N PRO A 37 2.35 -4.24 11.57
CA PRO A 37 1.66 -4.19 12.86
C PRO A 37 0.19 -3.98 12.73
N LEU A 38 -0.24 -3.14 11.79
CA LEU A 38 -1.66 -2.88 11.57
C LEU A 38 -2.20 -3.71 10.44
N THR A 39 -2.77 -4.84 10.81
CA THR A 39 -3.31 -5.81 9.88
C THR A 39 -4.69 -5.32 9.42
N LYS A 40 -5.20 -5.99 8.42
CA LYS A 40 -6.53 -5.68 7.93
C LYS A 40 -7.53 -6.05 9.02
N ALA A 41 -7.34 -7.19 9.66
CA ALA A 41 -8.22 -7.67 10.72
C ALA A 41 -8.30 -6.65 11.84
N LYS A 42 -7.15 -6.18 12.33
CA LYS A 42 -7.12 -5.10 13.34
C LYS A 42 -7.86 -3.85 12.87
N ALA A 43 -7.65 -3.48 11.61
CA ALA A 43 -8.23 -2.27 11.07
C ALA A 43 -9.77 -2.36 10.97
N ARG A 44 -10.25 -3.50 10.52
CA ARG A 44 -11.71 -3.63 10.38
C ARG A 44 -12.39 -3.66 11.75
N ALA A 45 -11.71 -4.25 12.76
CA ALA A 45 -12.17 -4.21 14.14
C ALA A 45 -12.33 -2.76 14.64
N ILE A 46 -11.35 -1.91 14.34
CA ILE A 46 -11.47 -0.50 14.69
C ILE A 46 -12.67 0.14 13.97
N LEU A 47 -12.77 -0.07 12.67
CA LEU A 47 -13.78 0.59 11.88
C LEU A 47 -15.21 0.21 12.22
N THR A 48 -15.41 -0.91 12.87
CA THR A 48 -16.74 -1.42 13.17
C THR A 48 -16.94 -1.42 14.67
N GLY A 49 -16.15 -0.61 15.38
CA GLY A 49 -16.26 -0.48 16.84
C GLY A 49 -16.17 -1.78 17.63
N LYS A 50 -15.35 -2.72 17.18
CA LYS A 50 -15.22 -4.03 17.86
C LYS A 50 -13.84 -4.23 18.46
N THR A 51 -13.46 -3.48 19.47
CA THR A 51 -12.03 -3.47 19.86
C THR A 51 -11.83 -3.05 21.33
N ASP A 53 -10.38 -1.06 23.42
CA ASP A 53 -9.34 -0.31 22.71
C ASP A 53 -9.88 1.07 22.21
N LYS A 54 -9.13 2.16 22.41
CA LYS A 54 -9.74 3.52 22.36
C LYS A 54 -10.12 4.07 20.98
N SER A 55 -11.20 4.83 21.01
CA SER A 55 -11.91 5.19 19.80
C SER A 55 -11.07 6.17 18.96
N PRO A 56 -11.07 6.04 17.62
CA PRO A 56 -10.33 7.05 16.85
C PRO A 56 -10.98 8.44 16.93
N PHE A 57 -10.15 9.48 16.88
CA PHE A 57 -10.64 10.84 16.91
C PHE A 57 -11.05 11.25 15.50
N VAL A 58 -12.24 11.81 15.35
CA VAL A 58 -12.79 12.06 14.01
C VAL A 58 -12.51 13.46 13.50
N ILE A 59 -11.93 13.52 12.29
CA ILE A 59 -11.67 14.78 11.64
C ILE A 59 -12.70 14.87 10.50
N TYR A 60 -13.64 15.79 10.66
CA TYR A 60 -14.74 16.05 9.72
C TYR A 60 -14.83 17.51 9.23
N ASP A 61 -13.98 18.43 9.71
CA ASP A 61 -13.98 19.87 9.29
C ASP A 61 -12.72 20.53 9.79
N MET A 62 -12.56 21.81 9.51
CA MET A 62 -11.34 22.54 9.89
C MET A 62 -11.13 22.59 11.38
N ASN A 63 -12.21 22.81 12.11
CA ASN A 63 -12.17 22.90 13.58
C ASN A 63 -11.73 21.58 14.23
N SER A 64 -12.28 20.44 13.79
CA SER A 64 -11.86 19.15 14.34
C SER A 64 -10.45 18.77 13.92
N LEU A 65 -10.08 19.24 12.74
CA LEU A 65 -8.74 19.06 12.23
C LEU A 65 -7.72 19.76 13.19
N MET A 66 -7.96 21.01 13.54
CA MET A 66 -7.01 21.66 14.41
C MET A 66 -7.06 21.09 15.82
N MET A 67 -8.24 20.61 16.22
CA MET A 67 -8.40 19.91 17.50
C MET A 67 -7.53 18.66 17.54
N GLY A 68 -7.60 17.86 16.48
CA GLY A 68 -6.88 16.59 16.38
C GLY A 68 -5.42 16.69 15.95
N GLU A 69 -4.86 17.89 15.84
CA GLU A 69 -3.53 17.99 15.24
C GLU A 69 -2.47 17.10 15.88
N ASP A 70 -2.53 16.82 17.18
CA ASP A 70 -1.54 15.93 17.82
C ASP A 70 -1.72 14.45 17.45
N LYS A 71 -1.34 14.16 16.20
CA LYS A 71 -1.70 12.95 15.48
C LYS A 71 -0.46 12.37 14.83
N LYS A 85 1.77 25.55 6.07
CA LYS A 85 1.23 25.77 4.74
C LYS A 85 -0.29 25.70 4.80
N GLU A 86 -0.95 26.01 3.67
CA GLU A 86 -2.40 25.85 3.54
C GLU A 86 -2.79 24.41 3.77
N VAL A 87 -4.04 24.26 4.23
CA VAL A 87 -4.53 23.03 4.83
C VAL A 87 -4.32 21.77 3.99
N ALA A 88 -4.66 21.84 2.70
CA ALA A 88 -4.65 20.66 1.86
C ALA A 88 -3.22 20.17 1.69
N ILE A 89 -2.28 21.10 1.53
CA ILE A 89 -0.86 20.76 1.49
C ILE A 89 -0.39 20.24 2.86
N ARG A 90 -0.86 20.85 3.95
CA ARG A 90 -0.54 20.33 5.26
C ARG A 90 -0.99 18.89 5.39
N ILE A 91 -2.23 18.58 5.01
CA ILE A 91 -2.76 17.22 5.18
C ILE A 91 -1.96 16.20 4.36
N PHE A 92 -1.74 16.51 3.09
CA PHE A 92 -1.03 15.59 2.18
C PHE A 92 0.43 15.43 2.62
N GLN A 93 1.09 16.50 3.01
CA GLN A 93 2.51 16.38 3.40
C GLN A 93 2.69 15.60 4.71
N GLY A 94 1.69 15.63 5.60
CA GLY A 94 1.67 14.82 6.77
C GLY A 94 1.49 13.34 6.53
N CYS A 95 1.17 12.92 5.32
CA CYS A 95 1.18 11.48 5.05
C CYS A 95 2.58 10.92 4.90
N GLN A 96 3.58 11.76 4.70
CA GLN A 96 4.94 11.32 4.46
C GLN A 96 5.55 10.43 5.57
N PHE A 97 5.32 10.80 6.83
CA PHE A 97 5.77 10.02 8.02
C PHE A 97 5.29 8.58 7.90
N ARG A 98 4.00 8.40 7.64
CA ARG A 98 3.44 7.06 7.51
C ARG A 98 4.04 6.34 6.29
N SER A 99 4.11 7.02 5.16
CA SER A 99 4.65 6.37 3.96
C SER A 99 6.10 5.93 4.18
N VAL A 100 6.90 6.69 4.93
CA VAL A 100 8.27 6.20 5.12
C VAL A 100 8.32 4.95 6.02
N GLU A 101 7.52 4.91 7.09
CA GLU A 101 7.39 3.68 7.87
C GLU A 101 6.94 2.49 7.01
N ALA A 102 5.95 2.74 6.14
CA ALA A 102 5.37 1.66 5.34
C ALA A 102 6.45 1.03 4.41
N VAL A 103 7.28 1.90 3.83
CA VAL A 103 8.37 1.47 2.98
C VAL A 103 9.28 0.53 3.74
N GLN A 104 9.56 0.92 4.97
CA GLN A 104 10.40 0.09 5.86
C GLN A 104 9.76 -1.25 6.13
N GLU A 105 8.45 -1.24 6.37
CA GLU A 105 7.73 -2.48 6.63
C GLU A 105 7.75 -3.39 5.41
N ILE A 106 7.51 -2.78 4.26
CA ILE A 106 7.42 -3.46 2.99
C ILE A 106 8.77 -4.07 2.60
N THR A 107 9.82 -3.32 2.79
CA THR A 107 11.18 -3.86 2.66
C THR A 107 11.48 -5.08 3.52
N GLU A 108 11.08 -5.03 4.81
CA GLU A 108 11.14 -6.20 5.73
C GLU A 108 10.35 -7.40 5.12
N TYR A 109 9.12 -7.13 4.65
CA TYR A 109 8.32 -8.19 4.08
C TYR A 109 8.91 -8.78 2.78
N ALA A 110 9.32 -7.91 1.86
CA ALA A 110 10.01 -8.36 0.66
C ALA A 110 11.19 -9.25 0.93
N LYS A 111 12.01 -8.88 1.89
CA LYS A 111 13.18 -9.71 2.25
C LYS A 111 12.81 -11.12 2.73
N SER A 112 11.60 -11.29 3.24
CA SER A 112 11.15 -12.59 3.68
C SER A 112 10.61 -13.48 2.53
N ILE A 113 10.44 -12.93 1.32
CA ILE A 113 9.90 -13.70 0.23
C ILE A 113 11.05 -14.61 -0.29
N PRO A 114 10.84 -15.94 -0.34
CA PRO A 114 11.93 -16.85 -0.77
C PRO A 114 12.49 -16.49 -2.13
N GLY A 115 13.82 -16.42 -2.27
CA GLY A 115 14.42 -15.93 -3.50
C GLY A 115 14.71 -14.45 -3.56
N PHE A 116 14.01 -13.61 -2.79
CA PHE A 116 14.13 -12.16 -2.99
C PHE A 116 15.59 -11.72 -2.74
N VAL A 117 16.16 -12.11 -1.61
CA VAL A 117 17.50 -11.56 -1.21
C VAL A 117 18.61 -12.07 -2.07
N ASN A 118 18.37 -13.18 -2.77
CA ASN A 118 19.35 -13.71 -3.71
C ASN A 118 19.33 -13.01 -5.06
N LEU A 119 18.33 -12.18 -5.33
CA LEU A 119 18.32 -11.40 -6.54
C LEU A 119 19.44 -10.40 -6.47
N ASP A 120 19.85 -9.95 -7.64
CA ASP A 120 20.79 -8.88 -7.78
C ASP A 120 20.26 -7.70 -6.96
N LEU A 121 21.15 -7.07 -6.24
CA LEU A 121 20.81 -6.05 -5.30
C LEU A 121 20.14 -4.82 -5.89
N ASN A 122 20.58 -4.41 -7.08
CA ASN A 122 20.02 -3.24 -7.73
C ASN A 122 18.63 -3.52 -8.23
N ASP A 123 18.40 -4.78 -8.65
CA ASP A 123 17.05 -5.25 -8.96
C ASP A 123 16.12 -5.32 -7.72
N GLN A 124 16.62 -5.59 -6.51
CA GLN A 124 15.78 -5.50 -5.36
C GLN A 124 15.36 -4.07 -5.14
N VAL A 125 16.32 -3.15 -5.30
CA VAL A 125 16.03 -1.74 -5.11
C VAL A 125 14.95 -1.33 -6.12
N THR A 126 15.14 -1.72 -7.38
CA THR A 126 14.16 -1.41 -8.42
C THR A 126 12.74 -1.87 -8.08
N LEU A 127 12.67 -3.11 -7.67
CA LEU A 127 11.40 -3.70 -7.23
C LEU A 127 10.76 -2.89 -6.11
N LEU A 128 11.54 -2.48 -5.13
CA LEU A 128 10.99 -1.71 -4.05
C LEU A 128 10.64 -0.32 -4.55
N LYS A 129 11.49 0.26 -5.36
CA LYS A 129 11.23 1.63 -5.84
C LYS A 129 9.89 1.75 -6.55
N TYR A 130 9.61 0.78 -7.40
CA TYR A 130 8.38 0.84 -8.20
C TYR A 130 7.22 0.04 -7.62
N GLY A 131 7.41 -0.57 -6.47
CA GLY A 131 6.41 -1.37 -5.83
C GLY A 131 5.75 -0.74 -4.64
N VAL A 132 6.48 0.10 -3.88
CA VAL A 132 6.00 0.45 -2.57
C VAL A 132 4.66 1.16 -2.57
N HIS A 133 4.44 2.02 -3.55
CA HIS A 133 3.19 2.82 -3.56
C HIS A 133 2.02 1.96 -3.90
N GLU A 134 2.19 0.99 -4.79
CA GLU A 134 1.11 -0.01 -5.09
C GLU A 134 0.67 -0.72 -3.80
N ILE A 135 1.63 -1.02 -2.92
CA ILE A 135 1.40 -1.78 -1.72
C ILE A 135 0.79 -0.85 -0.67
N ILE A 136 1.21 0.41 -0.66
CA ILE A 136 0.67 1.39 0.23
C ILE A 136 -0.81 1.65 -0.08
N TYR A 137 -1.15 1.78 -1.37
CA TYR A 137 -2.57 1.94 -1.71
C TYR A 137 -3.40 0.67 -1.41
N THR A 138 -2.79 -0.50 -1.59
CA THR A 138 -3.42 -1.77 -1.22
C THR A 138 -3.80 -1.79 0.25
N MET A 139 -2.87 -1.37 1.09
CA MET A 139 -3.07 -1.35 2.53
C MET A 139 -3.95 -0.19 2.93
N LEU A 140 -3.90 0.90 2.16
CA LEU A 140 -4.81 2.00 2.40
C LEU A 140 -6.27 1.56 2.34
N ALA A 141 -6.59 0.63 1.44
CA ALA A 141 -7.98 0.14 1.31
C ALA A 141 -8.42 -0.54 2.57
N SER A 142 -7.53 -1.31 3.17
CA SER A 142 -7.81 -1.91 4.46
C SER A 142 -8.18 -0.91 5.53
N LEU A 143 -7.64 0.32 5.46
CA LEU A 143 -7.99 1.39 6.44
C LEU A 143 -9.19 2.25 6.02
N MET A 144 -9.91 1.84 4.97
CA MET A 144 -10.98 2.66 4.39
C MET A 144 -12.33 1.98 4.42
N ASN A 145 -13.38 2.76 4.70
CA ASN A 145 -14.75 2.32 4.39
C ASN A 145 -15.42 3.41 3.57
N LYS A 146 -16.72 3.31 3.30
CA LYS A 146 -17.30 4.31 2.42
C LYS A 146 -17.29 5.73 3.01
N ASP A 147 -17.13 5.83 4.32
CA ASP A 147 -17.22 7.11 5.05
C ASP A 147 -15.89 7.79 5.40
N GLY A 148 -14.77 7.06 5.33
CA GLY A 148 -13.49 7.69 5.62
C GLY A 148 -12.36 6.73 5.80
N VAL A 149 -11.25 7.28 6.24
CA VAL A 149 -9.98 6.57 6.26
C VAL A 149 -9.33 6.66 7.64
N LEU A 150 -8.79 5.57 8.17
CA LEU A 150 -8.02 5.64 9.43
C LEU A 150 -6.65 6.18 9.19
N ILE A 151 -6.18 6.98 10.12
CA ILE A 151 -4.86 7.55 10.05
C ILE A 151 -4.15 7.32 11.37
N SER A 152 -2.85 7.57 11.33
CA SER A 152 -1.86 7.31 12.40
C SER A 152 -2.22 6.10 13.24
N GLU A 153 -1.93 4.91 12.71
CA GLU A 153 -2.18 3.62 13.32
C GLU A 153 -3.59 3.45 13.86
N GLY A 154 -4.59 4.02 13.20
CA GLY A 154 -5.94 3.99 13.75
C GLY A 154 -6.30 4.94 14.88
N GLN A 155 -5.40 5.86 15.28
CA GLN A 155 -5.75 6.85 16.28
C GLN A 155 -6.68 7.97 15.78
N GLY A 156 -6.76 8.15 14.45
CA GLY A 156 -7.64 9.13 13.83
C GLY A 156 -8.47 8.51 12.70
N PHE A 157 -9.51 9.22 12.30
CA PHE A 157 -10.35 8.82 11.22
C PHE A 157 -10.70 10.11 10.52
N MET A 158 -10.25 10.27 9.28
CA MET A 158 -10.56 11.41 8.44
C MET A 158 -11.74 11.01 7.55
N THR A 159 -12.78 11.84 7.55
CA THR A 159 -13.93 11.51 6.74
C THR A 159 -13.69 11.86 5.27
N ARG A 160 -14.36 11.07 4.45
CA ARG A 160 -14.41 11.26 3.02
C ARG A 160 -14.98 12.60 2.59
N GLU A 161 -16.03 13.06 3.26
CA GLU A 161 -16.59 14.37 2.91
C GLU A 161 -15.59 15.46 3.18
N PHE A 162 -14.88 15.41 4.31
CA PHE A 162 -13.84 16.42 4.59
C PHE A 162 -12.78 16.44 3.50
N LEU A 163 -12.34 15.26 3.08
CA LEU A 163 -11.28 15.17 2.08
C LEU A 163 -11.76 15.70 0.74
N LYS A 164 -13.04 15.54 0.49
CA LYS A 164 -13.66 15.99 -0.76
C LYS A 164 -13.82 17.51 -0.83
N SER A 165 -13.86 18.16 0.35
CA SER A 165 -14.00 19.61 0.46
C SER A 165 -12.68 20.36 0.26
N LEU A 166 -11.55 19.65 0.19
CA LEU A 166 -10.28 20.31 -0.06
C LEU A 166 -10.22 20.97 -1.43
N ARG A 167 -9.46 22.04 -1.53
CA ARG A 167 -9.33 22.76 -2.80
C ARG A 167 -8.69 21.90 -3.91
N LYS A 168 -9.03 22.22 -5.15
CA LYS A 168 -8.62 21.44 -6.27
C LYS A 168 -7.14 21.66 -6.53
N PRO A 169 -6.38 20.63 -6.94
CA PRO A 169 -6.88 19.30 -7.28
C PRO A 169 -7.04 18.28 -6.13
N PHE A 170 -6.79 18.70 -4.90
CA PHE A 170 -6.72 17.77 -3.78
C PHE A 170 -8.07 17.12 -3.52
N GLY A 171 -9.12 17.94 -3.48
CA GLY A 171 -10.46 17.49 -3.22
C GLY A 171 -11.02 16.44 -4.15
N ASP A 172 -10.50 16.34 -5.36
CA ASP A 172 -10.92 15.34 -6.32
C ASP A 172 -10.10 14.07 -6.21
N PHE A 173 -8.95 14.14 -5.56
CA PHE A 173 -7.97 13.10 -5.65
C PHE A 173 -8.38 11.85 -4.92
N MET A 174 -8.91 12.00 -3.72
CA MET A 174 -9.11 10.83 -2.88
C MET A 174 -10.35 10.07 -3.27
N GLU A 175 -11.31 10.76 -3.91
CA GLU A 175 -12.60 10.14 -4.24
C GLU A 175 -12.52 8.80 -4.95
N PRO A 176 -11.83 8.75 -6.09
CA PRO A 176 -11.56 7.47 -6.73
C PRO A 176 -10.73 6.48 -5.88
N LYS A 177 -9.94 6.96 -4.91
CA LYS A 177 -9.26 6.02 -4.00
C LYS A 177 -10.32 5.31 -3.13
N PHE A 178 -11.29 6.07 -2.65
CA PHE A 178 -12.37 5.48 -1.85
C PHE A 178 -13.23 4.51 -2.67
N GLU A 179 -13.45 4.87 -3.92
CA GLU A 179 -14.19 4.05 -4.84
C GLU A 179 -13.50 2.72 -5.07
N PHE A 180 -12.23 2.78 -5.43
CA PHE A 180 -11.40 1.57 -5.51
C PHE A 180 -11.48 0.76 -4.20
N ALA A 181 -11.33 1.43 -3.07
CA ALA A 181 -11.26 0.73 -1.75
C ALA A 181 -12.55 0.01 -1.47
N VAL A 182 -13.66 0.68 -1.76
CA VAL A 182 -14.98 0.12 -1.45
C VAL A 182 -15.18 -1.14 -2.30
N LYS A 183 -14.82 -1.09 -3.58
CA LYS A 183 -14.95 -2.29 -4.42
C LYS A 183 -13.95 -3.39 -4.03
N PHE A 184 -12.72 -2.99 -3.67
CA PHE A 184 -11.67 -3.95 -3.31
C PHE A 184 -12.09 -4.65 -2.04
N ASN A 185 -12.56 -3.88 -1.08
CA ASN A 185 -13.06 -4.44 0.19
C ASN A 185 -14.26 -5.33 0.08
N ALA A 186 -15.14 -5.05 -0.88
CA ALA A 186 -16.27 -5.94 -1.19
C ALA A 186 -15.82 -7.36 -1.57
N LEU A 187 -14.59 -7.52 -2.03
CA LEU A 187 -14.06 -8.89 -2.31
C LEU A 187 -13.76 -9.68 -1.04
N GLU A 188 -13.65 -9.00 0.08
CA GLU A 188 -13.57 -9.67 1.39
C GLU A 188 -12.29 -10.43 1.54
N LEU A 189 -11.22 -9.97 0.93
CA LEU A 189 -9.96 -10.61 1.18
C LEU A 189 -9.56 -10.55 2.68
N ASP A 190 -8.90 -11.56 3.15
CA ASP A 190 -8.31 -11.48 4.47
C ASP A 190 -6.79 -11.33 4.35
N ASP A 191 -6.15 -11.31 5.50
CA ASP A 191 -4.73 -11.02 5.62
C ASP A 191 -3.91 -12.14 4.96
N SER A 192 -4.33 -13.39 5.13
CA SER A 192 -3.75 -14.47 4.36
C SER A 192 -3.76 -14.23 2.87
N ASP A 193 -4.91 -13.78 2.33
CA ASP A 193 -5.04 -13.50 0.92
C ASP A 193 -4.08 -12.37 0.53
N LEU A 194 -4.19 -11.26 1.23
CA LEU A 194 -3.41 -10.03 1.02
C LEU A 194 -1.91 -10.21 1.05
N ALA A 195 -1.42 -11.05 1.95
CA ALA A 195 0.01 -11.31 2.02
C ALA A 195 0.59 -11.81 0.65
N ILE A 196 -0.16 -12.68 -0.02
CA ILE A 196 0.32 -13.26 -1.28
C ILE A 196 0.10 -12.27 -2.43
N PHE A 197 -1.04 -11.60 -2.44
CA PHE A 197 -1.34 -10.51 -3.36
C PHE A 197 -0.25 -9.47 -3.39
N ILE A 198 0.20 -9.10 -2.19
CA ILE A 198 1.28 -8.18 -2.05
C ILE A 198 2.60 -8.74 -2.55
N ALA A 199 2.90 -9.99 -2.23
CA ALA A 199 4.15 -10.62 -2.71
C ALA A 199 4.20 -10.59 -4.25
N VAL A 200 3.07 -10.96 -4.86
CA VAL A 200 2.96 -11.00 -6.32
C VAL A 200 3.33 -9.65 -6.97
N ILE A 201 2.75 -8.59 -6.43
CA ILE A 201 3.01 -7.23 -6.89
C ILE A 201 4.46 -6.84 -6.77
N ILE A 202 5.10 -7.15 -5.65
CA ILE A 202 6.52 -6.82 -5.49
C ILE A 202 7.41 -7.54 -6.54
N LEU A 203 7.05 -8.78 -6.89
CA LEU A 203 7.84 -9.56 -7.84
C LEU A 203 7.35 -9.31 -9.29
N SER A 204 7.18 -8.04 -9.64
CA SER A 204 6.78 -7.67 -11.00
C SER A 204 8.02 -7.52 -11.89
N GLY A 205 8.18 -8.46 -12.82
CA GLY A 205 9.25 -8.43 -13.80
C GLY A 205 9.33 -7.30 -14.82
N ASP A 206 8.36 -6.38 -14.81
CA ASP A 206 8.28 -5.37 -15.86
C ASP A 206 8.63 -3.98 -15.34
N ARG A 207 9.16 -3.90 -14.11
CA ARG A 207 9.58 -2.59 -13.61
C ARG A 207 10.72 -2.07 -14.50
N PRO A 208 10.83 -0.74 -14.65
CA PRO A 208 11.86 -0.20 -15.51
C PRO A 208 13.26 -0.45 -14.98
N GLY A 209 14.12 -0.94 -15.86
CA GLY A 209 15.55 -1.05 -15.61
C GLY A 209 15.98 -2.23 -14.76
N LEU A 210 15.12 -3.24 -14.68
CA LEU A 210 15.49 -4.53 -14.09
C LEU A 210 16.53 -5.18 -15.00
N LEU A 211 17.64 -5.59 -14.40
CA LEU A 211 18.77 -6.23 -15.13
C LEU A 211 18.58 -7.73 -15.40
N ASN A 212 17.95 -8.46 -14.50
CA ASN A 212 17.70 -9.87 -14.74
C ASN A 212 16.26 -10.26 -14.38
N VAL A 213 15.44 -10.22 -15.41
CA VAL A 213 13.99 -10.34 -15.27
C VAL A 213 13.56 -11.77 -15.03
N LYS A 214 14.18 -12.75 -15.71
CA LYS A 214 13.72 -14.10 -15.60
C LYS A 214 13.63 -14.69 -14.17
N PRO A 215 14.66 -14.54 -13.34
CA PRO A 215 14.49 -15.09 -11.98
C PRO A 215 13.40 -14.37 -11.19
N ILE A 216 13.07 -13.16 -11.57
CA ILE A 216 12.00 -12.44 -10.96
C ILE A 216 10.67 -13.08 -11.32
N GLU A 217 10.47 -13.28 -12.59
CA GLU A 217 9.28 -13.94 -13.12
C GLU A 217 9.09 -15.36 -12.57
N ASP A 218 10.16 -16.11 -12.38
CA ASP A 218 10.08 -17.48 -11.84
C ASP A 218 9.52 -17.45 -10.43
N ILE A 219 10.02 -16.49 -9.63
CA ILE A 219 9.46 -16.29 -8.30
C ILE A 219 7.96 -15.90 -8.38
N GLN A 220 7.68 -14.90 -9.20
CA GLN A 220 6.29 -14.46 -9.39
C GLN A 220 5.34 -15.56 -9.85
N ASP A 221 5.76 -16.33 -10.84
CA ASP A 221 4.95 -17.48 -11.32
C ASP A 221 4.51 -18.43 -10.20
N ASN A 222 5.44 -18.82 -9.36
CA ASN A 222 5.13 -19.61 -8.22
C ASN A 222 4.22 -18.92 -7.20
N LEU A 223 4.49 -17.64 -6.90
CA LEU A 223 3.59 -16.86 -6.03
C LEU A 223 2.14 -16.81 -6.57
N LEU A 224 2.03 -16.60 -7.89
CA LEU A 224 0.76 -16.56 -8.54
C LEU A 224 0.01 -17.88 -8.42
N GLN A 225 0.73 -18.98 -8.50
CA GLN A 225 0.13 -20.29 -8.24
C GLN A 225 -0.33 -20.44 -6.76
N ALA A 226 0.48 -19.96 -5.81
CA ALA A 226 0.12 -19.96 -4.43
C ALA A 226 -1.16 -19.13 -4.28
N LEU A 227 -1.23 -17.99 -4.99
CA LEU A 227 -2.39 -17.14 -4.87
C LEU A 227 -3.62 -17.80 -5.44
N GLU A 228 -3.44 -18.45 -6.56
CA GLU A 228 -4.59 -19.16 -7.18
C GLU A 228 -5.22 -20.18 -6.20
N LEU A 229 -4.36 -21.00 -5.60
CA LEU A 229 -4.81 -22.06 -4.69
C LEU A 229 -5.41 -21.47 -3.44
N GLN A 230 -4.72 -20.45 -2.91
CA GLN A 230 -5.19 -19.71 -1.77
C GLN A 230 -6.63 -19.26 -2.02
N LEU A 231 -6.88 -18.67 -3.19
CA LEU A 231 -8.23 -18.13 -3.51
C LEU A 231 -9.27 -19.19 -3.71
N LYS A 232 -8.86 -20.32 -4.30
CA LYS A 232 -9.76 -21.45 -4.46
C LYS A 232 -10.20 -22.10 -3.13
N LEU A 233 -9.26 -22.31 -2.21
CA LEU A 233 -9.60 -22.90 -0.93
C LEU A 233 -10.33 -21.92 -0.02
N ASN A 234 -9.88 -20.67 0.06
CA ASN A 234 -10.40 -19.70 1.01
C ASN A 234 -11.68 -19.03 0.55
N HIS A 235 -11.95 -18.95 -0.76
CA HIS A 235 -13.14 -18.28 -1.28
C HIS A 235 -13.78 -19.19 -2.32
N PRO A 236 -14.28 -20.33 -1.86
CA PRO A 236 -14.74 -21.35 -2.80
C PRO A 236 -16.03 -20.93 -3.61
N GLU A 237 -16.82 -19.96 -3.13
CA GLU A 237 -18.00 -19.52 -3.87
C GLU A 237 -17.73 -18.29 -4.70
N SER A 238 -16.47 -17.85 -4.78
CA SER A 238 -16.20 -16.57 -5.39
C SER A 238 -15.65 -16.77 -6.81
N SER A 239 -16.59 -16.71 -7.75
CA SER A 239 -16.33 -16.80 -9.16
C SER A 239 -15.32 -15.77 -9.65
N GLN A 240 -14.26 -16.28 -10.28
CA GLN A 240 -13.34 -15.46 -11.02
C GLN A 240 -12.48 -14.54 -10.11
N LEU A 241 -12.37 -14.87 -8.83
CA LEU A 241 -11.70 -13.99 -7.90
C LEU A 241 -10.25 -13.73 -8.32
N PHE A 242 -9.58 -14.79 -8.79
CA PHE A 242 -8.18 -14.71 -9.19
C PHE A 242 -8.06 -13.67 -10.29
N ALA A 243 -8.97 -13.71 -11.26
CA ALA A 243 -8.90 -12.78 -12.38
C ALA A 243 -9.24 -11.37 -11.90
N LYS A 244 -10.19 -11.22 -10.97
CA LYS A 244 -10.50 -9.85 -10.47
C LYS A 244 -9.32 -9.22 -9.78
N LEU A 245 -8.63 -10.04 -9.00
CA LEU A 245 -7.42 -9.64 -8.35
C LEU A 245 -6.32 -9.24 -9.33
N LEU A 246 -6.07 -10.00 -10.39
CA LEU A 246 -5.15 -9.49 -11.49
C LEU A 246 -5.48 -8.11 -11.98
N GLN A 247 -6.78 -7.86 -12.18
CA GLN A 247 -7.27 -6.54 -12.66
C GLN A 247 -7.05 -5.44 -11.61
N LYS A 248 -7.20 -5.79 -10.35
CA LYS A 248 -6.89 -4.87 -9.25
C LYS A 248 -5.45 -4.46 -9.20
N MET A 249 -4.56 -5.35 -9.61
CA MET A 249 -3.13 -4.98 -9.70
C MET A 249 -2.95 -3.91 -10.78
N THR A 250 -3.69 -4.03 -11.87
CA THR A 250 -3.63 -3.03 -12.96
C THR A 250 -4.27 -1.71 -12.45
N ASP A 251 -5.36 -1.80 -11.68
CA ASP A 251 -5.98 -0.61 -11.12
C ASP A 251 -5.00 0.13 -10.24
N LEU A 252 -4.22 -0.61 -9.43
CA LEU A 252 -3.23 -0.01 -8.54
C LEU A 252 -2.10 0.68 -9.32
N ARG A 253 -1.60 0.07 -10.37
CA ARG A 253 -0.67 0.81 -11.23
C ARG A 253 -1.29 2.13 -11.66
N GLN A 254 -2.57 2.11 -12.02
CA GLN A 254 -3.17 3.31 -12.55
C GLN A 254 -3.25 4.38 -11.43
N ILE A 255 -3.66 3.94 -10.26
CA ILE A 255 -3.73 4.78 -9.09
C ILE A 255 -2.39 5.40 -8.74
N VAL A 256 -1.33 4.62 -8.87
CA VAL A 256 -0.01 5.16 -8.60
C VAL A 256 0.41 6.16 -9.69
N THR A 257 0.13 5.84 -10.94
CA THR A 257 0.33 6.82 -12.02
C THR A 257 -0.34 8.14 -11.62
N GLU A 258 -1.58 8.08 -11.11
CA GLU A 258 -2.29 9.31 -10.76
C GLU A 258 -1.71 10.04 -9.55
N HIS A 259 -1.28 9.27 -8.58
CA HIS A 259 -0.63 9.81 -7.41
C HIS A 259 0.60 10.59 -7.84
N VAL A 260 1.43 9.95 -8.65
CA VAL A 260 2.61 10.64 -9.23
C VAL A 260 2.23 11.89 -9.97
N GLN A 261 1.18 11.89 -10.81
CA GLN A 261 0.84 13.17 -11.47
C GLN A 261 0.27 14.26 -10.55
N LEU A 262 -0.36 13.90 -9.42
CA LEU A 262 -0.78 14.93 -8.47
C LEU A 262 0.46 15.68 -7.97
N LEU A 263 1.52 14.97 -7.61
CA LEU A 263 2.73 15.60 -7.13
C LEU A 263 3.47 16.43 -8.21
N GLN A 264 3.51 15.96 -9.46
CA GLN A 264 4.00 16.77 -10.62
C GLN A 264 3.22 18.07 -10.76
N VAL A 265 1.90 17.98 -10.79
CA VAL A 265 1.08 19.17 -10.86
C VAL A 265 1.37 20.19 -9.75
N ILE A 266 1.50 19.71 -8.53
CA ILE A 266 1.71 20.55 -7.37
C ILE A 266 3.14 21.10 -7.32
N LYS A 267 4.15 20.28 -7.63
CA LYS A 267 5.52 20.80 -7.77
C LYS A 267 5.62 21.95 -8.79
N LYS A 268 4.72 22.01 -9.79
CA LYS A 268 4.68 23.13 -10.77
C LYS A 268 4.31 24.50 -10.18
N THR A 269 3.91 24.57 -8.92
CA THR A 269 3.73 25.84 -8.21
C THR A 269 4.28 25.90 -6.76
N GLU A 270 4.46 24.74 -6.12
CA GLU A 270 5.01 24.68 -4.76
C GLU A 270 6.48 24.27 -4.79
N THR A 271 7.25 25.17 -5.36
CA THR A 271 8.66 25.00 -5.66
C THR A 271 9.56 24.43 -4.54
N ASP A 272 9.33 24.84 -3.30
CA ASP A 272 10.27 24.58 -2.20
C ASP A 272 9.60 23.75 -1.10
N MET A 273 9.09 22.58 -1.49
CA MET A 273 8.23 21.78 -0.62
C MET A 273 9.02 20.60 -0.06
N SER A 274 9.15 20.49 1.26
CA SER A 274 10.05 19.50 1.82
C SER A 274 9.65 18.09 1.39
N LEU A 275 10.63 17.21 1.34
CA LEU A 275 10.38 15.82 0.97
C LEU A 275 11.38 14.87 1.67
N HIS A 276 10.86 13.91 2.41
CA HIS A 276 11.67 12.98 3.16
C HIS A 276 12.64 12.32 2.17
N PRO A 277 13.93 12.15 2.59
CA PRO A 277 14.98 11.69 1.70
C PRO A 277 14.71 10.29 1.16
N LEU A 278 14.20 9.41 2.00
CA LEU A 278 13.71 8.13 1.50
C LEU A 278 12.72 8.30 0.32
N LEU A 279 11.78 9.22 0.44
CA LEU A 279 10.81 9.39 -0.65
C LEU A 279 11.41 10.07 -1.87
N GLN A 280 12.46 10.89 -1.65
CA GLN A 280 13.18 11.45 -2.77
C GLN A 280 13.75 10.34 -3.58
N GLU A 281 14.29 9.31 -2.96
CA GLU A 281 14.81 8.19 -3.73
C GLU A 281 13.70 7.49 -4.54
N ILE A 282 12.56 7.25 -3.93
CA ILE A 282 11.44 6.64 -4.61
C ILE A 282 10.88 7.45 -5.79
N TYR A 283 10.71 8.75 -5.61
CA TYR A 283 10.18 9.61 -6.64
C TYR A 283 11.19 10.00 -7.70
N LYS A 284 12.47 9.87 -7.40
CA LYS A 284 13.48 10.21 -8.32
C LYS A 284 13.20 9.56 -9.67
N ASP A 285 13.27 10.38 -10.73
CA ASP A 285 13.20 9.93 -12.14
C ASP A 285 11.81 9.69 -12.71
N LEU A 286 10.76 9.88 -11.90
CA LEU A 286 9.40 9.46 -12.27
C LEU A 286 8.63 10.48 -13.12
N PRO B 1 24.22 7.87 -3.12
CA PRO B 1 24.07 6.45 -2.71
C PRO B 1 22.58 6.08 -2.63
N SER B 2 22.18 5.08 -1.83
CA SER B 2 20.82 4.64 -1.84
C SER B 2 20.34 4.18 -0.45
N LEU B 3 19.38 4.90 0.09
CA LEU B 3 18.70 4.49 1.29
C LEU B 3 18.04 3.11 1.16
N LEU B 4 17.42 2.80 0.02
CA LEU B 4 16.70 1.50 -0.12
C LEU B 4 17.66 0.32 0.06
N LYS B 5 18.80 0.49 -0.58
CA LYS B 5 19.88 -0.43 -0.58
C LYS B 5 20.40 -0.66 0.85
N LYS B 6 20.49 0.37 1.68
CA LYS B 6 20.79 0.17 3.09
C LYS B 6 19.71 -0.62 3.85
N LEU B 7 18.43 -0.30 3.60
CA LEU B 7 17.36 -1.02 4.25
C LEU B 7 17.33 -2.46 3.81
N LEU B 8 17.73 -2.71 2.56
CA LEU B 8 17.83 -4.08 2.05
C LEU B 8 18.95 -4.92 2.71
N LEU B 9 20.05 -4.28 3.08
CA LEU B 9 21.20 -4.97 3.63
C LEU B 9 21.08 -5.10 5.13
N ALA B 10 20.16 -4.41 5.77
CA ALA B 10 20.02 -4.47 7.24
C ALA B 10 19.53 -5.81 7.77
#